data_2OY4
#
_entry.id   2OY4
#
_cell.length_a   33.294
_cell.length_b   47.110
_cell.length_c   61.325
_cell.angle_alpha   77.73
_cell.angle_beta   80.04
_cell.angle_gamma   77.01
#
_symmetry.space_group_name_H-M   'P 1'
#
loop_
_entity.id
_entity.type
_entity.pdbx_description
1 polymer 'Neutrophil collagenase'
2 non-polymer 'CALCIUM ION'
3 non-polymer 'ZINC ION'
4 water water
#
_entity_poly.entity_id   1
_entity_poly.type   'polypeptide(L)'
_entity_poly.pdbx_seq_one_letter_code
;NPKWERTNLTYRIRNYTPQLSEAEVERAIKDAFELWSVASPLIFTRISQGEADINIAFYQRDHGDNSPFDGPNGILAHAF
QPGQGIGGDAHFDAEETWTNTSANYNLFLVAAHEFGHSLGLAHSSDPGALMYPNYAFRETSNYSLPQDDIDGIQAIYG
;
_entity_poly.pdbx_strand_id   A,F
#
# COMPACT_ATOMS: atom_id res chain seq x y z
N PRO A 2 6.32 20.52 26.25
CA PRO A 2 5.71 21.30 25.18
C PRO A 2 4.65 20.49 24.41
N LYS A 3 3.38 20.83 24.59
CA LYS A 3 2.29 20.09 23.95
C LYS A 3 1.23 20.96 23.26
N TRP A 4 0.58 20.38 22.25
CA TRP A 4 -0.41 21.13 21.46
C TRP A 4 -1.66 21.38 22.28
N GLU A 5 -2.34 22.48 21.95
CA GLU A 5 -3.49 22.96 22.72
C GLU A 5 -4.83 22.68 22.05
N ARG A 6 -4.78 22.37 20.76
CA ARG A 6 -5.96 22.01 19.97
C ARG A 6 -5.81 20.58 19.49
N THR A 7 -6.93 19.92 19.23
CA THR A 7 -6.91 18.51 18.89
C THR A 7 -6.75 18.33 17.39
N ASN A 8 -7.31 19.26 16.62
CA ASN A 8 -7.28 19.17 15.16
C ASN A 8 -6.10 19.95 14.58
N LEU A 9 -5.10 19.20 14.13
CA LEU A 9 -3.85 19.78 13.64
C LEU A 9 -3.73 19.61 12.13
N THR A 10 -3.13 20.59 11.46
CA THR A 10 -3.01 20.57 9.97
C THR A 10 -1.57 20.30 9.58
N TYR A 11 -1.38 19.61 8.45
CA TYR A 11 -0.05 19.41 7.95
C TYR A 11 0.07 19.71 6.45
N ARG A 12 1.30 20.01 6.00
CA ARG A 12 1.53 20.25 4.55
C ARG A 12 2.83 19.63 4.12
N ILE A 13 2.81 18.82 3.04
CA ILE A 13 4.00 18.26 2.41
C ILE A 13 4.46 19.35 1.37
N ARG A 14 5.62 19.96 1.59
CA ARG A 14 6.02 21.15 0.82
C ARG A 14 6.65 20.75 -0.51
N ASN A 15 7.39 19.64 -0.46
CA ASN A 15 8.09 19.10 -1.62
C ASN A 15 8.27 17.60 -1.47
N TYR A 16 8.80 16.96 -2.51
CA TYR A 16 8.84 15.50 -2.54
C TYR A 16 10.25 14.97 -2.76
N THR A 17 10.44 13.67 -2.57
CA THR A 17 11.61 13.00 -3.13
C THR A 17 11.22 12.34 -4.49
N PRO A 18 12.14 12.37 -5.49
CA PRO A 18 11.82 11.75 -6.80
C PRO A 18 12.09 10.23 -6.93
N GLN A 19 12.54 9.58 -5.85
CA GLN A 19 12.79 8.12 -5.80
C GLN A 19 11.52 7.27 -5.57
N LEU A 20 10.40 7.93 -5.26
CA LEU A 20 9.11 7.27 -5.05
C LEU A 20 8.03 8.08 -5.73
N SER A 21 6.94 7.43 -6.16
CA SER A 21 5.81 8.15 -6.77
C SER A 21 5.23 9.14 -5.74
N GLU A 22 4.64 10.24 -6.22
CA GLU A 22 4.00 11.21 -5.33
C GLU A 22 2.89 10.51 -4.47
N ALA A 23 2.15 9.58 -5.08
CA ALA A 23 1.22 8.68 -4.37
C ALA A 23 1.85 8.03 -3.14
N GLU A 24 3.02 7.41 -3.32
CA GLU A 24 3.69 6.64 -2.29
C GLU A 24 4.30 7.51 -1.16
N VAL A 25 4.74 8.73 -1.47
CA VAL A 25 5.15 9.72 -0.43
C VAL A 25 3.93 10.13 0.39
N GLU A 26 2.83 10.47 -0.29
CA GLU A 26 1.65 10.91 0.45
C GLU A 26 1.15 9.78 1.35
N ARG A 27 1.19 8.54 0.86
CA ARG A 27 0.66 7.38 1.60
C ARG A 27 1.47 7.11 2.87
N ALA A 28 2.79 7.21 2.74
CA ALA A 28 3.72 7.03 3.86
C ALA A 28 3.49 8.09 4.95
N ILE A 29 3.30 9.34 4.56
CA ILE A 29 3.01 10.42 5.53
C ILE A 29 1.66 10.21 6.21
N LYS A 30 0.66 9.87 5.40
CA LYS A 30 -0.70 9.61 5.90
C LYS A 30 -0.72 8.52 6.98
N ASP A 31 -0.13 7.38 6.64
CA ASP A 31 -0.08 6.22 7.53
C ASP A 31 0.75 6.52 8.80
N ALA A 32 1.90 7.19 8.65
CA ALA A 32 2.65 7.73 9.83
C ALA A 32 1.83 8.56 10.80
N PHE A 33 1.07 9.53 10.33
CA PHE A 33 0.17 10.27 11.22
C PHE A 33 -0.92 9.35 11.85
N GLU A 34 -1.45 8.39 11.08
CA GLU A 34 -2.53 7.49 11.55
C GLU A 34 -2.08 6.68 12.79
N LEU A 35 -0.79 6.31 12.84
CA LEU A 35 -0.23 5.47 13.91
C LEU A 35 -0.47 6.20 15.24
N TRP A 36 -0.29 7.52 15.23
CA TRP A 36 -0.42 8.35 16.46
C TRP A 36 -1.88 8.77 16.72
N SER A 37 -2.64 8.92 15.64
CA SER A 37 -4.09 9.23 15.69
C SER A 37 -4.94 8.14 16.38
N VAL A 38 -4.56 6.89 16.23
CA VAL A 38 -5.31 5.80 16.85
C VAL A 38 -5.06 5.61 18.33
N ALA A 39 -4.12 6.40 18.92
CA ALA A 39 -3.67 6.29 20.33
C ALA A 39 -3.71 7.59 21.12
N SER A 40 -4.37 8.60 20.56
CA SER A 40 -4.50 9.97 21.13
C SER A 40 -5.79 10.61 20.63
N PRO A 41 -6.17 11.78 21.20
CA PRO A 41 -7.30 12.58 20.73
C PRO A 41 -7.02 13.42 19.50
N LEU A 42 -5.74 13.50 19.09
CA LEU A 42 -5.32 14.42 18.04
C LEU A 42 -5.92 13.91 16.71
N ILE A 43 -6.32 14.85 15.86
CA ILE A 43 -6.88 14.59 14.50
C ILE A 43 -6.05 15.38 13.47
N PHE A 44 -5.53 14.69 12.45
CA PHE A 44 -4.61 15.33 11.48
C PHE A 44 -5.31 15.57 10.10
N THR A 45 -5.19 16.80 9.59
CA THR A 45 -5.87 17.30 8.39
C THR A 45 -4.83 17.85 7.35
N ARG A 46 -4.86 17.32 6.13
CA ARG A 46 -3.91 17.79 5.07
C ARG A 46 -4.39 19.08 4.39
N ILE A 47 -3.48 20.04 4.27
CA ILE A 47 -3.70 21.19 3.38
C ILE A 47 -2.67 21.21 2.18
N SER A 48 -3.03 21.86 1.06
CA SER A 48 -2.14 21.84 -0.15
C SER A 48 -1.18 23.05 -0.24
N GLN A 49 -1.65 24.20 0.20
CA GLN A 49 -0.87 25.42 0.17
C GLN A 49 -1.03 26.14 1.52
N GLY A 50 -0.24 27.18 1.74
CA GLY A 50 -0.33 27.96 2.98
C GLY A 50 0.47 27.45 4.18
N GLU A 51 0.19 28.00 5.34
CA GLU A 51 0.93 27.66 6.57
C GLU A 51 0.11 26.71 7.50
N ALA A 52 0.58 25.47 7.61
CA ALA A 52 -0.03 24.43 8.47
C ALA A 52 0.71 24.33 9.80
N ASP A 53 0.09 23.69 10.80
CA ASP A 53 0.79 23.48 12.07
C ASP A 53 2.06 22.67 11.83
N ILE A 54 2.00 21.60 11.02
CA ILE A 54 3.19 20.76 10.79
C ILE A 54 3.64 20.75 9.31
N ASN A 55 4.72 21.48 9.03
CA ASN A 55 5.33 21.51 7.69
C ASN A 55 6.25 20.34 7.50
N ILE A 56 6.13 19.61 6.36
CA ILE A 56 6.99 18.45 6.04
C ILE A 56 7.78 18.84 4.81
N ALA A 57 9.09 18.61 4.83
CA ALA A 57 9.90 18.96 3.70
C ALA A 57 11.16 18.12 3.65
N PHE A 58 11.65 17.91 2.42
CA PHE A 58 12.97 17.28 2.10
C PHE A 58 14.02 18.35 1.74
N TYR A 59 15.17 18.32 2.40
CA TYR A 59 16.17 19.40 2.29
C TYR A 59 17.55 18.84 2.53
N GLN A 60 18.55 19.59 2.11
CA GLN A 60 19.91 19.09 2.13
C GLN A 60 20.89 20.03 2.86
N ARG A 61 21.88 19.45 3.53
CA ARG A 61 22.93 20.24 4.15
C ARG A 61 22.30 21.46 4.79
N ASP A 62 22.88 22.67 4.58
CA ASP A 62 22.38 23.91 5.23
C ASP A 62 21.04 24.25 4.61
N HIS A 63 20.01 24.29 5.48
CA HIS A 63 18.65 24.62 5.10
C HIS A 63 17.89 25.59 6.04
N GLY A 64 18.60 26.53 6.68
CA GLY A 64 17.92 27.66 7.29
C GLY A 64 17.60 27.56 8.77
N ASP A 65 17.88 26.42 9.40
CA ASP A 65 17.44 26.22 10.80
C ASP A 65 18.51 26.03 11.90
N ASN A 66 19.78 26.11 11.50
CA ASN A 66 20.90 25.93 12.44
C ASN A 66 21.12 24.49 12.90
N SER A 67 20.50 23.56 12.17
CA SER A 67 20.76 22.13 12.29
C SER A 67 20.92 21.57 10.87
N PRO A 68 22.13 21.69 10.26
CA PRO A 68 22.38 21.20 8.87
C PRO A 68 22.31 19.68 8.77
N PHE A 69 21.89 19.15 7.61
CA PHE A 69 22.06 17.72 7.35
C PHE A 69 23.48 17.35 6.87
N ASP A 70 23.78 16.07 6.76
CA ASP A 70 25.17 15.62 6.67
C ASP A 70 25.45 14.75 5.44
N GLY A 71 24.61 14.81 4.42
CA GLY A 71 24.74 13.98 3.18
C GLY A 71 24.37 12.50 3.35
N PRO A 72 24.87 11.57 2.49
CA PRO A 72 24.35 10.17 2.59
C PRO A 72 24.60 9.46 3.93
N ASN A 73 23.56 8.77 4.42
CA ASN A 73 23.54 8.08 5.75
C ASN A 73 23.71 9.04 6.96
N GLY A 74 24.20 8.56 8.11
CA GLY A 74 24.19 9.40 9.35
C GLY A 74 22.78 9.88 9.73
N ILE A 75 22.63 11.20 9.97
CA ILE A 75 21.35 11.83 10.31
C ILE A 75 20.35 11.70 9.18
N LEU A 76 19.15 11.28 9.51
CA LEU A 76 18.19 10.93 8.47
C LEU A 76 17.07 11.97 8.35
N ALA A 77 16.80 12.65 9.46
CA ALA A 77 15.66 13.58 9.56
C ALA A 77 15.72 14.20 10.91
N HIS A 78 14.92 15.25 11.13
CA HIS A 78 14.71 15.81 12.48
C HIS A 78 13.40 16.56 12.58
N ALA A 79 12.88 16.68 13.79
CA ALA A 79 11.59 17.32 13.95
C ALA A 79 11.68 18.19 15.19
N PHE A 80 10.93 19.27 15.17
CA PHE A 80 10.86 20.21 16.33
C PHE A 80 9.63 20.01 17.22
N GLN A 81 9.76 20.31 18.50
CA GLN A 81 8.68 20.09 19.46
C GLN A 81 7.54 21.09 19.24
N PRO A 82 6.33 20.79 19.78
CA PRO A 82 5.14 21.68 19.76
C PRO A 82 5.38 23.16 20.13
N GLY A 83 4.73 24.09 19.41
CA GLY A 83 5.00 25.54 19.50
C GLY A 83 4.62 26.24 18.21
N GLN A 84 4.69 27.60 18.17
CA GLN A 84 4.51 28.35 16.89
C GLN A 84 5.74 28.31 15.97
N GLY A 85 5.54 28.74 14.71
CA GLY A 85 6.64 28.84 13.78
C GLY A 85 7.18 27.48 13.42
N ILE A 86 8.51 27.34 13.51
CA ILE A 86 9.20 26.07 13.25
C ILE A 86 8.70 24.93 14.20
N GLY A 87 8.10 25.29 15.33
CA GLY A 87 7.47 24.26 16.20
C GLY A 87 6.67 23.20 15.47
N GLY A 88 6.95 21.93 15.79
CA GLY A 88 6.22 20.81 15.21
C GLY A 88 6.70 20.45 13.81
N ASP A 89 7.48 21.29 13.13
CA ASP A 89 7.92 20.96 11.74
C ASP A 89 8.89 19.75 11.64
N ALA A 90 8.81 19.00 10.54
CA ALA A 90 9.66 17.81 10.36
C ALA A 90 10.47 17.91 9.08
N HIS A 91 11.78 17.73 9.14
CA HIS A 91 12.67 17.86 7.96
C HIS A 91 13.38 16.54 7.63
N PHE A 92 13.39 16.14 6.37
CA PHE A 92 13.96 14.88 5.96
C PHE A 92 15.19 15.09 5.05
N ASP A 93 16.25 14.31 5.25
CA ASP A 93 17.49 14.51 4.46
C ASP A 93 17.28 14.14 2.97
N ALA A 94 17.32 15.15 2.09
CA ALA A 94 17.12 14.89 0.63
C ALA A 94 18.18 13.96 -0.03
N GLU A 95 19.35 13.87 0.57
CA GLU A 95 20.43 13.04 0.02
C GLU A 95 20.33 11.51 0.32
N GLU A 96 19.28 11.10 1.06
CA GLU A 96 19.08 9.69 1.36
C GLU A 96 18.38 9.01 0.19
N THR A 97 18.61 7.70 0.04
CA THR A 97 17.73 6.83 -0.75
C THR A 97 16.49 6.57 0.13
N TRP A 98 15.31 7.03 -0.31
CA TRP A 98 14.02 6.79 0.37
C TRP A 98 13.24 5.71 -0.35
N THR A 99 12.70 4.77 0.44
CA THR A 99 12.05 3.57 -0.11
C THR A 99 10.68 3.25 0.55
N ASN A 100 9.97 2.28 -0.03
CA ASN A 100 8.77 1.68 0.60
C ASN A 100 9.01 0.19 0.89
N THR A 101 10.29 -0.15 1.07
CA THR A 101 10.70 -1.56 1.23
C THR A 101 11.57 -1.72 2.47
N SER A 102 12.12 -2.91 2.65
CA SER A 102 13.14 -3.13 3.69
C SER A 102 14.50 -2.46 3.47
N ALA A 103 14.75 -1.95 2.27
CA ALA A 103 16.03 -1.29 1.94
C ALA A 103 16.11 0.11 2.58
N ASN A 104 17.29 0.45 3.10
CA ASN A 104 17.56 1.75 3.71
C ASN A 104 17.18 2.88 2.73
N TYR A 105 16.35 3.85 3.14
CA TYR A 105 15.66 3.93 4.42
C TYR A 105 14.16 4.06 4.14
N ASN A 106 13.37 3.35 4.92
CA ASN A 106 11.88 3.30 4.75
C ASN A 106 11.21 4.61 5.20
N LEU A 107 10.63 5.34 4.25
CA LEU A 107 10.10 6.71 4.57
C LEU A 107 8.97 6.70 5.66
N PHE A 108 8.12 5.69 5.61
CA PHE A 108 7.02 5.50 6.60
C PHE A 108 7.54 5.38 8.05
N LEU A 109 8.48 4.46 8.27
CA LEU A 109 9.16 4.27 9.55
C LEU A 109 9.88 5.53 10.03
N VAL A 110 10.70 6.15 9.17
CA VAL A 110 11.38 7.42 9.50
C VAL A 110 10.36 8.55 9.89
N ALA A 111 9.35 8.81 9.05
CA ALA A 111 8.31 9.83 9.36
C ALA A 111 7.58 9.47 10.66
N ALA A 112 7.24 8.19 10.86
CA ALA A 112 6.59 7.74 12.11
C ALA A 112 7.37 8.22 13.36
N HIS A 113 8.69 8.05 13.35
CA HIS A 113 9.51 8.50 14.47
C HIS A 113 9.55 10.04 14.63
N GLU A 114 9.82 10.74 13.54
CA GLU A 114 9.82 12.21 13.51
C GLU A 114 8.56 12.87 14.06
N PHE A 115 7.41 12.34 13.65
CA PHE A 115 6.09 12.85 14.17
C PHE A 115 5.88 12.71 15.70
N GLY A 116 6.51 11.69 16.32
CA GLY A 116 6.54 11.60 17.80
C GLY A 116 7.15 12.88 18.42
N HIS A 117 8.31 13.34 17.90
CA HIS A 117 8.95 14.64 18.27
C HIS A 117 7.97 15.82 18.07
N SER A 118 7.35 15.84 16.89
CA SER A 118 6.39 16.86 16.50
C SER A 118 5.23 17.08 17.53
N LEU A 119 4.98 16.07 18.35
CA LEU A 119 3.85 16.00 19.25
C LEU A 119 4.25 16.11 20.71
N GLY A 120 5.54 16.14 21.00
CA GLY A 120 6.02 16.36 22.38
C GLY A 120 6.87 15.25 23.01
N LEU A 121 7.12 14.18 22.26
CA LEU A 121 7.86 13.05 22.77
C LEU A 121 9.36 13.32 22.67
N ALA A 122 10.11 12.73 23.61
CA ALA A 122 11.55 12.70 23.63
C ALA A 122 11.95 11.27 23.20
N HIS A 123 13.24 10.99 23.06
CA HIS A 123 13.71 9.64 22.71
C HIS A 123 13.52 8.64 23.83
N SER A 124 13.37 7.36 23.49
CA SER A 124 13.16 6.34 24.53
C SER A 124 14.43 5.52 24.69
N SER A 125 14.66 4.97 25.89
CA SER A 125 15.78 4.02 26.07
C SER A 125 15.42 2.56 25.70
N ASP A 126 14.16 2.28 25.39
CA ASP A 126 13.73 0.93 24.96
C ASP A 126 14.07 0.61 23.48
N PRO A 127 14.99 -0.36 23.25
CA PRO A 127 15.49 -0.72 21.89
C PRO A 127 14.44 -1.27 20.93
N GLY A 128 13.28 -1.60 21.49
CA GLY A 128 12.14 -2.07 20.70
C GLY A 128 11.13 -0.97 20.39
N ALA A 129 11.27 0.20 21.05
CA ALA A 129 10.41 1.32 20.75
C ALA A 129 10.65 2.00 19.39
N LEU A 130 9.59 2.58 18.81
CA LEU A 130 9.72 3.49 17.64
C LEU A 130 10.60 4.74 17.94
N MET A 131 10.41 5.33 19.13
CA MET A 131 11.24 6.47 19.64
C MET A 131 12.69 6.19 20.16
N TYR A 132 13.16 4.96 20.06
CA TYR A 132 14.62 4.67 20.18
C TYR A 132 15.47 5.49 19.17
N PRO A 133 16.64 6.00 19.63
CA PRO A 133 17.38 6.99 18.82
C PRO A 133 17.85 6.49 17.42
N ASN A 134 18.15 5.19 17.26
CA ASN A 134 18.64 4.63 16.01
C ASN A 134 17.59 3.87 15.19
N TYR A 135 17.70 4.04 13.86
CA TYR A 135 16.80 3.42 12.90
C TYR A 135 17.01 1.93 12.82
N ALA A 136 15.88 1.22 12.78
CA ALA A 136 15.85 -0.22 12.54
C ALA A 136 14.62 -0.60 11.75
N PHE A 137 14.79 -1.35 10.65
CA PHE A 137 13.62 -1.76 9.87
C PHE A 137 12.70 -2.76 10.63
N ARG A 138 11.38 -2.60 10.48
CA ARG A 138 10.32 -3.51 11.00
C ARG A 138 9.32 -3.77 9.87
N GLU A 139 8.83 -5.02 9.74
CA GLU A 139 7.79 -5.33 8.74
C GLU A 139 6.67 -4.28 8.85
N THR A 140 6.34 -3.65 7.70
CA THR A 140 5.48 -2.48 7.69
C THR A 140 4.02 -2.81 7.42
N SER A 141 3.77 -3.94 6.76
CA SER A 141 2.41 -4.38 6.39
C SER A 141 1.39 -4.18 7.51
N ASN A 142 1.62 -4.78 8.67
CA ASN A 142 0.65 -4.54 9.74
C ASN A 142 1.23 -3.86 10.98
N TYR A 143 2.09 -2.88 10.69
CA TYR A 143 2.65 -2.01 11.72
C TYR A 143 1.67 -1.20 12.60
N SER A 144 1.85 -1.35 13.90
CA SER A 144 1.17 -0.49 14.85
C SER A 144 2.23 -0.09 15.87
N LEU A 145 2.03 1.04 16.55
CA LEU A 145 3.00 1.49 17.52
C LEU A 145 3.32 0.44 18.61
N PRO A 146 4.62 0.25 18.93
CA PRO A 146 4.99 -0.52 20.14
C PRO A 146 4.36 0.05 21.37
N GLN A 147 4.19 -0.81 22.36
CA GLN A 147 3.50 -0.40 23.57
C GLN A 147 4.24 0.75 24.28
N ASP A 148 5.57 0.82 24.16
CA ASP A 148 6.33 1.91 24.79
C ASP A 148 5.90 3.31 24.28
N ASP A 149 5.58 3.40 22.99
CA ASP A 149 5.26 4.68 22.36
C ASP A 149 3.81 5.14 22.68
N ILE A 150 2.93 4.16 22.84
CA ILE A 150 1.55 4.38 23.32
C ILE A 150 1.53 5.00 24.70
N ASP A 151 2.29 4.39 25.61
CA ASP A 151 2.51 4.94 26.99
C ASP A 151 2.95 6.43 26.92
N GLY A 152 3.89 6.69 26.00
CA GLY A 152 4.38 8.02 25.66
C GLY A 152 3.31 9.04 25.34
N ILE A 153 2.57 8.82 24.25
CA ILE A 153 1.54 9.81 23.88
C ILE A 153 0.34 9.88 24.90
N GLN A 154 0.12 8.80 25.65
CA GLN A 154 -0.95 8.79 26.67
C GLN A 154 -0.55 9.65 27.89
N ALA A 155 0.74 9.72 28.18
CA ALA A 155 1.24 10.52 29.32
C ALA A 155 1.10 12.01 29.02
N ILE A 156 1.20 12.36 27.72
CA ILE A 156 1.08 13.74 27.22
C ILE A 156 -0.38 14.25 27.05
N TYR A 157 -1.18 13.48 26.31
CA TYR A 157 -2.55 13.86 25.84
C TYR A 157 -3.63 12.97 26.39
N GLY A 158 -3.22 11.81 26.91
CA GLY A 158 -4.07 10.76 27.46
C GLY A 158 -4.69 11.26 28.75
N PRO B 2 -8.54 -23.76 -22.89
CA PRO B 2 -7.38 -24.64 -22.65
C PRO B 2 -6.89 -24.67 -21.18
N LYS B 3 -5.57 -24.67 -20.99
CA LYS B 3 -4.94 -24.93 -19.70
C LYS B 3 -3.44 -24.88 -19.83
N TRP B 4 -2.77 -24.53 -18.73
CA TRP B 4 -1.33 -24.49 -18.72
C TRP B 4 -0.76 -25.91 -18.62
N GLU B 5 0.42 -26.10 -19.23
CA GLU B 5 1.11 -27.39 -19.19
C GLU B 5 2.26 -27.45 -18.14
N ARG B 6 2.68 -26.30 -17.63
CA ARG B 6 3.59 -26.25 -16.47
C ARG B 6 2.82 -25.89 -15.21
N THR B 7 3.32 -26.36 -14.07
CA THR B 7 2.64 -26.18 -12.75
C THR B 7 3.13 -24.90 -12.01
N ASN B 8 4.38 -24.52 -12.30
CA ASN B 8 4.99 -23.32 -11.73
C ASN B 8 4.92 -22.18 -12.75
N LEU B 9 3.94 -21.32 -12.49
CA LEU B 9 3.64 -20.16 -13.32
C LEU B 9 4.13 -18.88 -12.60
N THR B 10 4.63 -17.96 -13.41
CA THR B 10 5.14 -16.68 -12.93
C THR B 10 4.11 -15.61 -13.23
N TYR B 11 4.06 -14.60 -12.36
CA TYR B 11 3.20 -13.43 -12.59
C TYR B 11 3.97 -12.12 -12.25
N ARG B 12 3.56 -11.02 -12.86
CA ARG B 12 4.19 -9.70 -12.61
C ARG B 12 3.20 -8.56 -12.47
N ILE B 13 3.33 -7.76 -11.40
CA ILE B 13 2.44 -6.62 -11.24
C ILE B 13 3.15 -5.42 -11.89
N ARG B 14 2.62 -4.98 -13.03
CA ARG B 14 3.37 -4.04 -13.90
C ARG B 14 3.23 -2.58 -13.44
N ASN B 15 2.05 -2.21 -12.93
CA ASN B 15 1.80 -0.84 -12.43
C ASN B 15 0.76 -0.92 -11.31
N TYR B 16 0.55 0.22 -10.63
CA TYR B 16 -0.37 0.26 -9.50
C TYR B 16 -1.56 1.20 -9.69
N THR B 17 -2.44 1.22 -8.71
CA THR B 17 -3.55 2.14 -8.69
C THR B 17 -3.41 3.11 -7.50
N PRO B 18 -3.66 4.42 -7.71
CA PRO B 18 -3.46 5.41 -6.62
C PRO B 18 -4.41 5.28 -5.40
N GLN B 19 -5.48 4.50 -5.54
CA GLN B 19 -6.49 4.32 -4.48
C GLN B 19 -6.00 3.52 -3.24
N LEU B 20 -4.95 2.71 -3.41
CA LEU B 20 -4.37 1.90 -2.34
C LEU B 20 -2.85 2.07 -2.37
N SER B 21 -2.18 1.68 -1.29
CA SER B 21 -0.72 1.61 -1.35
C SER B 21 -0.31 0.44 -2.21
N GLU B 22 0.89 0.54 -2.79
CA GLU B 22 1.52 -0.57 -3.50
C GLU B 22 1.48 -1.90 -2.69
N ALA B 23 1.73 -1.82 -1.38
CA ALA B 23 1.73 -3.02 -0.55
C ALA B 23 0.32 -3.65 -0.41
N GLU B 24 -0.70 -2.80 -0.32
CA GLU B 24 -2.10 -3.25 -0.25
C GLU B 24 -2.45 -4.03 -1.53
N VAL B 25 -1.97 -3.52 -2.67
CA VAL B 25 -2.18 -4.17 -3.99
C VAL B 25 -1.50 -5.54 -4.07
N GLU B 26 -0.21 -5.56 -3.68
CA GLU B 26 0.57 -6.78 -3.60
C GLU B 26 -0.08 -7.88 -2.79
N ARG B 27 -0.61 -7.52 -1.62
CA ARG B 27 -1.28 -8.45 -0.70
C ARG B 27 -2.54 -9.06 -1.33
N ALA B 28 -3.39 -8.18 -1.87
CA ALA B 28 -4.62 -8.58 -2.52
C ALA B 28 -4.34 -9.63 -3.61
N ILE B 29 -3.35 -9.32 -4.46
CA ILE B 29 -2.99 -10.21 -5.59
C ILE B 29 -2.44 -11.53 -5.12
N LYS B 30 -1.52 -11.46 -4.18
CA LYS B 30 -0.95 -12.68 -3.60
C LYS B 30 -2.04 -13.59 -2.99
N ASP B 31 -2.99 -12.96 -2.28
CA ASP B 31 -4.07 -13.69 -1.64
C ASP B 31 -5.02 -14.35 -2.62
N ALA B 32 -5.38 -13.60 -3.67
CA ALA B 32 -6.17 -14.12 -4.76
C ALA B 32 -5.55 -15.32 -5.49
N PHE B 33 -4.22 -15.33 -5.66
CA PHE B 33 -3.59 -16.48 -6.30
C PHE B 33 -3.61 -17.71 -5.37
N GLU B 34 -3.39 -17.47 -4.08
CA GLU B 34 -3.44 -18.56 -3.10
C GLU B 34 -4.77 -19.33 -3.09
N LEU B 35 -5.90 -18.63 -3.24
CA LEU B 35 -7.24 -19.25 -3.28
C LEU B 35 -7.21 -20.44 -4.27
N TRP B 36 -6.61 -20.20 -5.44
CA TRP B 36 -6.53 -21.20 -6.51
C TRP B 36 -5.44 -22.24 -6.29
N SER B 37 -4.36 -21.84 -5.60
CA SER B 37 -3.19 -22.69 -5.44
C SER B 37 -3.60 -23.82 -4.49
N VAL B 38 -4.47 -23.53 -3.51
CA VAL B 38 -4.86 -24.56 -2.53
C VAL B 38 -5.83 -25.65 -3.02
N ALA B 39 -6.28 -25.52 -4.28
CA ALA B 39 -7.30 -26.38 -4.89
C ALA B 39 -6.84 -26.96 -6.22
N SER B 40 -5.53 -26.85 -6.48
CA SER B 40 -4.95 -27.26 -7.76
C SER B 40 -3.44 -27.57 -7.59
N PRO B 41 -2.81 -28.14 -8.63
CA PRO B 41 -1.36 -28.42 -8.66
C PRO B 41 -0.51 -27.19 -8.96
N LEU B 42 -1.12 -26.08 -9.31
CA LEU B 42 -0.38 -24.88 -9.73
C LEU B 42 0.36 -24.21 -8.57
N ILE B 43 1.60 -23.77 -8.81
CA ILE B 43 2.40 -22.97 -7.86
C ILE B 43 2.65 -21.59 -8.51
N PHE B 44 2.44 -20.49 -7.77
CA PHE B 44 2.55 -19.11 -8.35
C PHE B 44 3.74 -18.37 -7.79
N THR B 45 4.56 -17.80 -8.68
CA THR B 45 5.81 -17.15 -8.30
C THR B 45 5.88 -15.72 -8.88
N ARG B 46 6.07 -14.73 -8.03
CA ARG B 46 6.20 -13.32 -8.49
C ARG B 46 7.60 -12.95 -9.00
N ILE B 47 7.61 -12.20 -10.12
CA ILE B 47 8.84 -11.64 -10.68
C ILE B 47 8.69 -10.09 -10.68
N SER B 48 9.83 -9.40 -10.57
CA SER B 48 9.81 -7.95 -10.43
C SER B 48 9.94 -7.20 -11.77
N GLN B 49 10.62 -7.83 -12.75
CA GLN B 49 10.80 -7.25 -14.08
C GLN B 49 10.72 -8.35 -15.13
N GLY B 50 10.61 -7.96 -16.40
CA GLY B 50 10.58 -8.95 -17.51
C GLY B 50 9.29 -9.69 -17.88
N GLU B 51 9.45 -10.86 -18.50
CA GLU B 51 8.29 -11.47 -19.16
C GLU B 51 7.72 -12.69 -18.38
N ALA B 52 6.68 -12.43 -17.57
CA ALA B 52 6.03 -13.46 -16.72
C ALA B 52 4.88 -14.15 -17.46
N ASP B 53 4.42 -15.32 -17.00
CA ASP B 53 3.24 -15.97 -17.70
C ASP B 53 1.97 -15.15 -17.59
N ILE B 54 1.70 -14.61 -16.40
CA ILE B 54 0.50 -13.79 -16.14
C ILE B 54 0.86 -12.33 -15.82
N ASN B 55 0.70 -11.47 -16.80
CA ASN B 55 0.92 -10.06 -16.61
C ASN B 55 -0.34 -9.45 -15.98
N ILE B 56 -0.13 -8.59 -14.96
CA ILE B 56 -1.17 -7.91 -14.19
C ILE B 56 -1.04 -6.36 -14.30
N ALA B 57 -2.07 -5.69 -14.80
CA ALA B 57 -1.95 -4.25 -14.96
C ALA B 57 -3.28 -3.47 -14.83
N PHE B 58 -3.18 -2.19 -14.43
CA PHE B 58 -4.33 -1.24 -14.39
C PHE B 58 -4.27 -0.31 -15.60
N TYR B 59 -5.33 -0.28 -16.39
CA TYR B 59 -5.35 0.51 -17.59
C TYR B 59 -6.68 1.18 -17.74
N GLN B 60 -6.69 2.22 -18.58
CA GLN B 60 -7.85 3.07 -18.80
C GLN B 60 -8.34 2.98 -20.24
N ARG B 61 -9.66 2.91 -20.42
CA ARG B 61 -10.30 2.93 -21.75
C ARG B 61 -9.55 2.08 -22.77
N ASP B 62 -9.11 2.73 -23.87
CA ASP B 62 -8.32 2.08 -24.97
C ASP B 62 -6.90 1.75 -24.52
N HIS B 63 -6.58 0.47 -24.45
CA HIS B 63 -5.29 0.02 -23.94
C HIS B 63 -4.56 -1.10 -24.71
N GLY B 64 -4.83 -1.22 -26.00
CA GLY B 64 -3.99 -2.05 -26.88
C GLY B 64 -4.43 -3.49 -27.18
N ASP B 65 -5.63 -3.87 -26.73
CA ASP B 65 -6.07 -5.27 -26.86
C ASP B 65 -7.51 -5.44 -27.45
N ASN B 66 -8.03 -4.39 -28.10
CA ASN B 66 -9.34 -4.47 -28.79
C ASN B 66 -10.52 -4.91 -27.87
N SER B 67 -10.33 -4.76 -26.57
CA SER B 67 -11.36 -4.93 -25.56
C SER B 67 -11.24 -3.71 -24.65
N PRO B 68 -11.75 -2.53 -25.06
CA PRO B 68 -11.55 -1.31 -24.21
C PRO B 68 -12.33 -1.25 -22.87
N PHE B 69 -11.76 -0.60 -21.83
CA PHE B 69 -12.54 -0.31 -20.64
C PHE B 69 -13.48 0.89 -20.84
N ASP B 70 -14.37 1.07 -19.86
CA ASP B 70 -15.48 1.95 -20.04
C ASP B 70 -15.64 3.09 -19.00
N GLY B 71 -14.58 3.42 -18.26
CA GLY B 71 -14.67 4.42 -17.21
C GLY B 71 -15.32 3.92 -15.93
N PRO B 72 -15.76 4.86 -15.06
CA PRO B 72 -16.25 4.40 -13.71
C PRO B 72 -17.49 3.50 -13.73
N ASN B 73 -17.47 2.47 -12.88
CA ASN B 73 -18.50 1.44 -12.79
C ASN B 73 -18.62 0.59 -14.09
N GLY B 74 -19.76 -0.05 -14.34
CA GLY B 74 -19.87 -1.00 -15.47
C GLY B 74 -18.80 -2.08 -15.36
N ILE B 75 -17.99 -2.17 -16.41
CA ILE B 75 -16.97 -3.22 -16.57
C ILE B 75 -15.84 -2.93 -15.60
N LEU B 76 -15.35 -3.98 -14.92
CA LEU B 76 -14.37 -3.77 -13.85
C LEU B 76 -13.00 -4.27 -14.22
N ALA B 77 -12.93 -5.33 -15.03
CA ALA B 77 -11.68 -6.03 -15.28
C ALA B 77 -11.96 -7.09 -16.33
N HIS B 78 -10.91 -7.63 -16.94
CA HIS B 78 -10.99 -8.80 -17.85
C HIS B 78 -9.70 -9.62 -17.85
N ALA B 79 -9.79 -10.87 -18.34
CA ALA B 79 -8.64 -11.78 -18.46
C ALA B 79 -8.72 -12.72 -19.66
N PHE B 80 -7.55 -13.21 -20.05
CA PHE B 80 -7.39 -14.00 -21.25
C PHE B 80 -7.07 -15.44 -20.88
N GLN B 81 -7.63 -16.39 -21.63
CA GLN B 81 -7.43 -17.80 -21.42
C GLN B 81 -5.95 -18.22 -21.56
N PRO B 82 -5.54 -19.37 -20.96
CA PRO B 82 -4.18 -19.95 -21.13
C PRO B 82 -3.61 -19.98 -22.56
N GLY B 83 -2.30 -19.74 -22.71
CA GLY B 83 -1.63 -19.59 -24.01
C GLY B 83 -0.43 -18.66 -23.96
N GLN B 84 0.38 -18.65 -25.04
CA GLN B 84 1.51 -17.73 -25.17
C GLN B 84 1.06 -16.28 -25.32
N GLY B 85 1.98 -15.35 -25.00
CA GLY B 85 1.79 -13.91 -25.19
C GLY B 85 0.71 -13.36 -24.29
N ILE B 86 -0.30 -12.71 -24.87
CA ILE B 86 -1.45 -12.14 -24.12
C ILE B 86 -2.16 -13.17 -23.23
N GLY B 87 -2.08 -14.46 -23.58
CA GLY B 87 -2.67 -15.56 -22.82
C GLY B 87 -2.45 -15.49 -21.32
N GLY B 88 -3.50 -15.78 -20.56
CA GLY B 88 -3.44 -15.67 -19.11
C GLY B 88 -3.33 -14.26 -18.55
N ASP B 89 -3.05 -13.25 -19.38
CA ASP B 89 -2.88 -11.89 -18.82
C ASP B 89 -4.17 -11.31 -18.16
N ALA B 90 -4.03 -10.46 -17.12
CA ALA B 90 -5.18 -9.89 -16.40
C ALA B 90 -5.12 -8.35 -16.26
N HIS B 91 -6.21 -7.65 -16.63
CA HIS B 91 -6.25 -6.18 -16.68
C HIS B 91 -7.43 -5.62 -15.89
N PHE B 92 -7.17 -4.55 -15.16
CA PHE B 92 -8.14 -3.93 -14.25
C PHE B 92 -8.42 -2.49 -14.66
N ASP B 93 -9.68 -2.06 -14.53
CA ASP B 93 -10.05 -0.70 -14.92
C ASP B 93 -9.42 0.32 -14.00
N ALA B 94 -8.49 1.13 -14.53
CA ALA B 94 -7.82 2.13 -13.69
C ALA B 94 -8.75 3.28 -13.17
N GLU B 95 -9.92 3.48 -13.78
CA GLU B 95 -10.83 4.51 -13.29
C GLU B 95 -11.83 4.09 -12.18
N GLU B 96 -11.73 2.86 -11.67
CA GLU B 96 -12.54 2.45 -10.53
C GLU B 96 -11.92 2.89 -9.21
N THR B 97 -12.73 2.93 -8.16
CA THR B 97 -12.20 3.02 -6.79
C THR B 97 -11.90 1.59 -6.34
N TRP B 98 -10.62 1.27 -6.13
CA TRP B 98 -10.22 -0.06 -5.62
C TRP B 98 -10.02 -0.02 -4.10
N THR B 99 -10.64 -0.97 -3.42
CA THR B 99 -10.62 -0.99 -1.95
C THR B 99 -10.11 -2.33 -1.35
N ASN B 100 -9.85 -2.33 -0.04
CA ASN B 100 -9.64 -3.55 0.77
C ASN B 100 -10.75 -3.65 1.84
N THR B 101 -11.94 -3.20 1.48
CA THR B 101 -13.06 -3.16 2.42
C THR B 101 -14.34 -3.64 1.71
N SER B 102 -15.48 -3.59 2.38
CA SER B 102 -16.79 -3.85 1.73
C SER B 102 -17.26 -2.80 0.71
N ALA B 103 -16.62 -1.64 0.68
CA ALA B 103 -16.98 -0.59 -0.29
C ALA B 103 -16.54 -1.01 -1.71
N ASN B 104 -17.36 -0.68 -2.71
CA ASN B 104 -17.06 -1.00 -4.12
C ASN B 104 -15.69 -0.39 -4.56
N TYR B 105 -14.78 -1.13 -5.17
CA TYR B 105 -14.84 -2.57 -5.43
C TYR B 105 -13.62 -3.22 -4.80
N ASN B 106 -13.84 -4.34 -4.12
CA ASN B 106 -12.76 -5.07 -3.46
C ASN B 106 -11.84 -5.71 -4.48
N LEU B 107 -10.58 -5.28 -4.48
CA LEU B 107 -9.54 -5.75 -5.43
C LEU B 107 -9.24 -7.25 -5.33
N PHE B 108 -9.09 -7.75 -4.10
CA PHE B 108 -8.97 -9.21 -3.79
C PHE B 108 -10.02 -10.05 -4.52
N LEU B 109 -11.28 -9.70 -4.30
CA LEU B 109 -12.41 -10.40 -4.89
C LEU B 109 -12.45 -10.33 -6.41
N VAL B 110 -12.19 -9.15 -6.97
CA VAL B 110 -12.15 -9.00 -8.41
C VAL B 110 -10.92 -9.77 -8.98
N ALA B 111 -9.74 -9.61 -8.37
CA ALA B 111 -8.56 -10.36 -8.85
C ALA B 111 -8.85 -11.88 -8.81
N ALA B 112 -9.42 -12.38 -7.72
CA ALA B 112 -9.76 -13.86 -7.59
C ALA B 112 -10.61 -14.38 -8.81
N HIS B 113 -11.67 -13.65 -9.16
CA HIS B 113 -12.49 -13.91 -10.35
C HIS B 113 -11.70 -13.89 -11.66
N GLU B 114 -10.99 -12.80 -11.93
CA GLU B 114 -10.14 -12.70 -13.14
C GLU B 114 -9.12 -13.85 -13.30
N PHE B 115 -8.39 -14.22 -12.24
CA PHE B 115 -7.43 -15.39 -12.29
C PHE B 115 -8.03 -16.79 -12.66
N GLY B 116 -9.31 -17.01 -12.39
CA GLY B 116 -10.04 -18.24 -12.77
C GLY B 116 -10.08 -18.26 -14.31
N HIS B 117 -10.26 -17.09 -14.92
CA HIS B 117 -10.23 -16.94 -16.42
C HIS B 117 -8.82 -17.30 -16.95
N SER B 118 -7.81 -16.75 -16.28
CA SER B 118 -6.40 -16.90 -16.60
C SER B 118 -5.92 -18.37 -16.55
N LEU B 119 -6.61 -19.21 -15.77
CA LEU B 119 -6.28 -20.62 -15.51
C LEU B 119 -7.15 -21.55 -16.37
N GLY B 120 -8.15 -20.96 -17.02
CA GLY B 120 -8.97 -21.68 -18.01
C GLY B 120 -10.47 -21.82 -17.69
N LEU B 121 -10.93 -21.25 -16.59
CA LEU B 121 -12.39 -21.31 -16.32
C LEU B 121 -13.23 -20.30 -17.13
N ALA B 122 -14.48 -20.68 -17.43
CA ALA B 122 -15.49 -19.77 -17.96
C ALA B 122 -16.41 -19.35 -16.83
N HIS B 123 -17.43 -18.59 -17.18
CA HIS B 123 -18.40 -18.12 -16.21
C HIS B 123 -19.32 -19.25 -15.73
N SER B 124 -19.74 -19.18 -14.46
CA SER B 124 -20.72 -20.13 -13.87
C SER B 124 -22.12 -19.52 -13.88
N SER B 125 -23.12 -20.41 -13.96
CA SER B 125 -24.50 -20.02 -13.80
C SER B 125 -24.97 -20.02 -12.32
N ASP B 126 -24.12 -20.48 -11.39
CA ASP B 126 -24.49 -20.48 -9.93
C ASP B 126 -24.21 -19.09 -9.28
N PRO B 127 -25.27 -18.41 -8.76
CA PRO B 127 -25.18 -17.04 -8.24
C PRO B 127 -24.31 -16.97 -6.96
N GLY B 128 -23.98 -18.13 -6.42
CA GLY B 128 -23.10 -18.20 -5.26
C GLY B 128 -21.62 -18.31 -5.60
N ALA B 129 -21.32 -18.61 -6.85
CA ALA B 129 -19.96 -18.89 -7.26
C ALA B 129 -19.12 -17.66 -7.46
N LEU B 130 -17.84 -17.74 -7.11
CA LEU B 130 -16.85 -16.70 -7.54
C LEU B 130 -16.93 -16.37 -9.04
N MET B 131 -17.04 -17.41 -9.87
CA MET B 131 -17.11 -17.26 -11.34
C MET B 131 -18.47 -16.80 -11.94
N TYR B 132 -19.46 -16.52 -11.10
CA TYR B 132 -20.71 -15.88 -11.57
C TYR B 132 -20.34 -14.55 -12.25
N PRO B 133 -21.03 -14.19 -13.38
CA PRO B 133 -20.63 -13.02 -14.16
C PRO B 133 -20.58 -11.66 -13.43
N ASN B 134 -21.46 -11.42 -12.44
CA ASN B 134 -21.61 -10.13 -11.72
C ASN B 134 -20.96 -10.08 -10.32
N TYR B 135 -20.22 -8.99 -10.03
CA TYR B 135 -19.63 -8.68 -8.70
C TYR B 135 -20.64 -8.59 -7.54
N ALA B 136 -20.31 -9.26 -6.44
CA ALA B 136 -21.05 -9.16 -5.20
C ALA B 136 -20.10 -9.40 -4.03
N PHE B 137 -20.08 -8.45 -3.11
CA PHE B 137 -19.17 -8.52 -1.96
C PHE B 137 -19.46 -9.70 -1.06
N ARG B 138 -18.40 -10.37 -0.63
CA ARG B 138 -18.46 -11.44 0.39
C ARG B 138 -17.41 -11.10 1.44
N GLU B 139 -17.73 -11.35 2.69
CA GLU B 139 -16.79 -11.25 3.82
C GLU B 139 -15.44 -11.88 3.52
N THR B 140 -14.39 -11.06 3.53
CA THR B 140 -13.08 -11.44 2.96
C THR B 140 -12.11 -12.09 3.96
N SER B 141 -12.32 -11.79 5.24
CA SER B 141 -11.47 -12.27 6.36
C SER B 141 -10.99 -13.73 6.28
N ASN B 142 -11.93 -14.66 6.14
CA ASN B 142 -11.54 -16.06 5.92
C ASN B 142 -12.18 -16.70 4.69
N TYR B 143 -12.10 -15.97 3.59
CA TYR B 143 -12.71 -16.44 2.35
C TYR B 143 -11.88 -17.58 1.76
N SER B 144 -12.60 -18.60 1.28
CA SER B 144 -12.07 -19.71 0.52
C SER B 144 -12.99 -19.93 -0.70
N LEU B 145 -12.49 -20.56 -1.77
CA LEU B 145 -13.31 -20.76 -2.99
C LEU B 145 -14.63 -21.48 -2.71
N PRO B 146 -15.79 -20.92 -3.16
CA PRO B 146 -17.03 -21.71 -3.15
C PRO B 146 -16.79 -23.10 -3.74
N GLN B 147 -17.56 -24.13 -3.33
CA GLN B 147 -17.43 -25.52 -3.87
C GLN B 147 -17.63 -25.57 -5.40
N ASP B 148 -18.48 -24.68 -5.93
CA ASP B 148 -18.64 -24.61 -7.38
C ASP B 148 -17.31 -24.26 -8.12
N ASP B 149 -16.53 -23.37 -7.55
CA ASP B 149 -15.25 -22.98 -8.18
C ASP B 149 -14.15 -24.06 -8.08
N ILE B 150 -14.18 -24.80 -6.96
CA ILE B 150 -13.34 -26.00 -6.74
C ILE B 150 -13.62 -27.11 -7.81
N ASP B 151 -14.90 -27.42 -8.04
CA ASP B 151 -15.32 -28.37 -9.13
C ASP B 151 -14.73 -27.94 -10.48
N GLY B 152 -14.75 -26.63 -10.76
CA GLY B 152 -14.29 -26.14 -12.05
C GLY B 152 -12.79 -26.36 -12.27
N ILE B 153 -11.99 -25.92 -11.30
CA ILE B 153 -10.52 -26.02 -11.41
C ILE B 153 -10.09 -27.50 -11.28
N GLN B 154 -10.80 -28.23 -10.43
CA GLN B 154 -10.56 -29.66 -10.35
C GLN B 154 -10.80 -30.43 -11.69
N ALA B 155 -11.80 -30.02 -12.48
CA ALA B 155 -12.12 -30.67 -13.78
C ALA B 155 -11.07 -30.43 -14.90
N ILE B 156 -10.35 -29.32 -14.79
CA ILE B 156 -9.34 -28.94 -15.76
C ILE B 156 -7.97 -29.57 -15.42
N TYR B 157 -7.57 -29.45 -14.15
CA TYR B 157 -6.21 -29.85 -13.75
C TYR B 157 -6.09 -31.16 -13.00
N GLY B 158 -7.23 -31.77 -12.71
CA GLY B 158 -7.22 -33.12 -12.14
C GLY B 158 -7.04 -34.24 -13.14
#